data_2X93
#
_entry.id   2X93
#
_cell.length_a   172.861
_cell.length_b   172.861
_cell.length_c   103.250
_cell.angle_alpha   90.00
_cell.angle_beta   90.00
_cell.angle_gamma   120.00
#
_symmetry.space_group_name_H-M   'H 3'
#
loop_
_entity.id
_entity.type
_entity.pdbx_description
1 polymer 'ANGIOTENSIN CONVERTING ENZYME'
2 branched beta-D-mannopyranose-(1-6)-alpha-D-mannopyranose-(1-3)-[alpha-D-mannopyranose-(1-6)]beta-D-mannopyranose-(1-4)-2-acetamido-2-deoxy-beta-D-glucopyranose-(1-4)-2-acetamido-2-deoxy-beta-D-glucopyranose
3 non-polymer '4-(2-HYDROXYETHYL)-1-PIPERAZINE ETHANESULFONIC ACID'
4 non-polymer 'ZINC ION'
5 non-polymer 2-acetamido-2-deoxy-beta-D-glucopyranose
6 non-polymer TRANDOLAPRILAT
7 water water
#
_entity_poly.entity_id   1
_entity_poly.type   'polypeptide(L)'
_entity_poly.pdbx_seq_one_letter_code
;ALVKEEIQAKEYLENLNKELAKRTNVETEAAWAYGSNITDENEKKKNEISAELAKFMKEVASDTTKFQWRSYQSEDLKRQ
FKALTKLGYAALPEDDYAELLDTLSAMESNFAKVKVCDYKDSTKCDLALDPEIEEVISKSRDHEELAYYWREFYDKAGTA
VRSQFERYVELNTKAAKLNNFTSGAEAWLDEYEDDTFEQQLEDIFADIRPLYQQIHGYVRFRLRKHYGDAVVSETGPIPM
HLLGNMWAQQWSEIADIVSPFPEKPLVDVSAEMEKQGYTPLKMFQMGDDFFTSMNLTKLPQDFWDKSIIEKPTDGRDLVC
HASAWDFYLTDDVRIKQCTRVTQDQLFTVHHELGHIQYFLQYQHQPFVYRTGANPGFHEAVGDVLSLSVSTPKHLEKIGL
LKDYVRDDEARINQLFLTALDKIVFLPFAFTMDKYRWSLFRGEVDKANWNCAFWKLRDEYSGIEPPVVRSEKDFDAPAKY
HISADVEYLRYLVSFIIQFQFYKSACIKAGQYDPDNVELPLDNCDIYGSAAAGAAFHNMLSMGASKPWPDALEAFNGERI
MSGKAIAEYFEPLRVWLEAENIKNNVHIGWTTSNKCVSS
;
_entity_poly.pdbx_strand_id   A
#
# COMPACT_ATOMS: atom_id res chain seq x y z
N ALA A 1 -15.82 23.66 38.63
CA ALA A 1 -16.20 22.22 38.53
C ALA A 1 -16.15 21.70 37.08
N LEU A 2 -16.58 20.45 36.87
CA LEU A 2 -16.43 19.75 35.60
C LEU A 2 -17.30 20.28 34.46
N VAL A 3 -18.49 20.79 34.80
CA VAL A 3 -19.42 21.33 33.80
C VAL A 3 -18.83 22.56 33.09
N LYS A 4 -18.24 23.46 33.87
CA LYS A 4 -17.61 24.67 33.33
C LYS A 4 -16.32 24.35 32.56
N GLU A 5 -15.56 23.35 33.06
CA GLU A 5 -14.32 22.96 32.43
C GLU A 5 -14.54 22.31 31.06
N GLU A 6 -15.57 21.50 30.93
CA GLU A 6 -15.89 20.81 29.67
C GLU A 6 -16.26 21.82 28.57
N ILE A 7 -16.91 22.92 28.95
CA ILE A 7 -17.21 24.01 28.03
C ILE A 7 -15.92 24.70 27.58
N GLN A 8 -15.02 24.96 28.52
CA GLN A 8 -13.72 25.56 28.22
C GLN A 8 -12.84 24.65 27.38
N ALA A 9 -12.91 23.34 27.64
CA ALA A 9 -12.15 22.34 26.91
C ALA A 9 -12.53 22.30 25.44
N LYS A 10 -13.83 22.43 25.16
CA LYS A 10 -14.34 22.49 23.79
C LYS A 10 -13.74 23.68 23.03
N GLU A 11 -13.67 24.83 23.69
CA GLU A 11 -13.05 26.03 23.12
C GLU A 11 -11.55 25.84 22.90
N TYR A 12 -10.89 25.21 23.86
CA TYR A 12 -9.47 24.90 23.79
C TYR A 12 -9.15 24.02 22.58
N LEU A 13 -9.94 22.96 22.40
CA LEU A 13 -9.73 22.00 21.30
C LEU A 13 -9.94 22.63 19.93
N GLU A 14 -10.96 23.48 19.83
CA GLU A 14 -11.27 24.16 18.58
C GLU A 14 -10.09 25.00 18.08
N ASN A 15 -9.49 25.78 18.98
CA ASN A 15 -8.33 26.61 18.66
CA ASN A 15 -8.33 26.61 18.66
C ASN A 15 -7.07 25.79 18.39
N LEU A 16 -6.82 24.79 19.24
CA LEU A 16 -5.64 23.93 19.12
C LEU A 16 -5.63 23.14 17.81
N ASN A 17 -6.77 22.58 17.43
CA ASN A 17 -6.89 21.86 16.15
C ASN A 17 -6.48 22.74 14.97
N LYS A 18 -6.98 23.97 14.94
CA LYS A 18 -6.64 24.92 13.87
C LYS A 18 -5.15 25.26 13.88
N GLU A 19 -4.59 25.42 15.08
CA GLU A 19 -3.15 25.67 15.22
C GLU A 19 -2.32 24.48 14.74
N LEU A 20 -2.76 23.27 15.07
CA LEU A 20 -2.08 22.06 14.63
C LEU A 20 -2.12 21.89 13.12
N ALA A 21 -3.27 22.20 12.51
CA ALA A 21 -3.41 22.14 11.05
C ALA A 21 -2.43 23.09 10.37
N LYS A 22 -2.31 24.31 10.92
CA LYS A 22 -1.43 25.33 10.37
C LYS A 22 0.05 24.98 10.51
N ARG A 23 0.44 24.48 11.67
CA ARG A 23 1.81 24.04 11.91
C ARG A 23 2.19 22.81 11.08
N THR A 24 1.23 21.92 10.86
CA THR A 24 1.46 20.71 10.06
C THR A 24 1.57 21.06 8.56
N ASN A 25 0.81 22.06 8.12
CA ASN A 25 0.96 22.60 6.76
C ASN A 25 2.41 22.94 6.44
N VAL A 26 3.05 23.67 7.37
CA VAL A 26 4.45 24.06 7.22
C VAL A 26 5.40 22.86 7.14
N GLU A 27 5.19 21.86 8.01
CA GLU A 27 5.99 20.63 7.97
C GLU A 27 5.79 19.88 6.66
N THR A 28 4.54 19.80 6.21
CA THR A 28 4.19 19.07 5.00
C THR A 28 4.80 19.72 3.75
N GLU A 29 4.81 21.05 3.70
CA GLU A 29 5.42 21.78 2.59
C GLU A 29 6.92 21.49 2.47
N ALA A 30 7.61 21.45 3.61
CA ALA A 30 9.03 21.12 3.64
C ALA A 30 9.30 19.67 3.24
N ALA A 31 8.44 18.75 3.67
CA ALA A 31 8.53 17.34 3.30
C ALA A 31 8.29 17.15 1.79
N TRP A 32 7.34 17.90 1.27
CA TRP A 32 7.01 17.89 -0.16
C TRP A 32 8.18 18.40 -1.00
N ALA A 33 8.80 19.50 -0.55
CA ALA A 33 9.93 20.11 -1.26
C ALA A 33 11.12 19.15 -1.33
N TYR A 34 11.32 18.38 -0.27
CA TYR A 34 12.40 17.42 -0.20
C TYR A 34 12.15 16.20 -1.10
N GLY A 35 10.93 15.66 -1.04
CA GLY A 35 10.54 14.52 -1.85
C GLY A 35 10.51 14.81 -3.34
N SER A 36 10.28 16.08 -3.69
CA SER A 36 10.24 16.54 -5.07
C SER A 36 11.63 16.92 -5.58
N ASN A 37 12.57 17.09 -4.65
CA ASN A 37 13.87 17.68 -4.93
C ASN A 37 14.84 17.37 -3.80
N ILE A 38 15.48 16.20 -3.86
CA ILE A 38 16.38 15.75 -2.80
C ILE A 38 17.72 16.49 -2.84
N THR A 39 17.93 17.35 -1.85
CA THR A 39 19.21 18.05 -1.66
C THR A 39 19.55 18.07 -0.16
N ASP A 40 20.81 18.34 0.16
CA ASP A 40 21.24 18.48 1.56
C ASP A 40 20.51 19.62 2.26
N GLU A 41 20.22 20.69 1.51
CA GLU A 41 19.53 21.86 2.03
C GLU A 41 18.06 21.58 2.36
N ASN A 42 17.37 20.90 1.45
CA ASN A 42 15.97 20.53 1.66
C ASN A 42 15.78 19.52 2.79
N GLU A 43 16.73 18.59 2.93
CA GLU A 43 16.74 17.62 4.02
C GLU A 43 16.85 18.34 5.36
N LYS A 44 17.81 19.25 5.45
CA LYS A 44 18.02 20.07 6.63
C LYS A 44 16.76 20.86 6.99
N LYS A 45 16.14 21.48 5.99
CA LYS A 45 14.90 22.23 6.17
C LYS A 45 13.76 21.36 6.68
N LYS A 46 13.57 20.21 6.05
CA LYS A 46 12.51 19.26 6.41
C LYS A 46 12.64 18.82 7.87
N ASN A 47 13.84 18.39 8.24
CA ASN A 47 14.11 17.86 9.57
C ASN A 47 14.06 18.90 10.69
N GLU A 48 14.46 20.13 10.38
CA GLU A 48 14.43 21.21 11.37
C GLU A 48 12.99 21.63 11.70
N ILE A 49 12.13 21.65 10.69
CA ILE A 49 10.72 21.99 10.88
C ILE A 49 9.97 20.91 11.67
N SER A 50 10.31 19.64 11.37
CA SER A 50 9.72 18.50 12.08
C SER A 50 10.08 18.52 13.56
N ALA A 51 11.34 18.85 13.85
CA ALA A 51 11.81 18.99 15.22
C ALA A 51 11.06 20.09 15.97
N GLU A 52 10.76 21.18 15.27
CA GLU A 52 9.98 22.28 15.82
C GLU A 52 8.54 21.86 16.15
N LEU A 53 7.91 21.14 15.24
CA LEU A 53 6.55 20.63 15.46
C LEU A 53 6.51 19.61 16.60
N ALA A 54 7.52 18.76 16.67
CA ALA A 54 7.61 17.76 17.75
C ALA A 54 7.69 18.41 19.13
N LYS A 55 8.48 19.49 19.23
CA LYS A 55 8.61 20.26 20.46
C LYS A 55 7.26 20.84 20.89
N PHE A 56 6.48 21.34 19.94
CA PHE A 56 5.15 21.86 20.19
C PHE A 56 4.18 20.77 20.64
N MET A 57 4.28 19.59 20.03
CA MET A 57 3.45 18.44 20.40
C MET A 57 3.68 18.01 21.86
N LYS A 58 4.94 18.04 22.29
CA LYS A 58 5.30 17.77 23.68
C LYS A 58 4.58 18.71 24.63
N GLU A 59 4.56 20.00 24.28
CA GLU A 59 3.86 21.02 25.05
C GLU A 59 2.36 20.73 25.10
N VAL A 60 1.78 20.34 23.97
CA VAL A 60 0.37 19.98 23.87
C VAL A 60 0.05 18.78 24.77
N ALA A 61 0.79 17.69 24.61
CA ALA A 61 0.60 16.47 25.40
C ALA A 61 0.66 16.78 26.89
N SER A 62 1.62 17.62 27.27
CA SER A 62 1.75 18.11 28.63
C SER A 62 0.50 18.88 29.08
N ASP A 63 0.00 19.76 28.23
CA ASP A 63 -1.18 20.57 28.52
C ASP A 63 -2.47 19.77 28.71
N THR A 64 -2.58 18.59 28.08
CA THR A 64 -3.76 17.75 28.22
C THR A 64 -3.99 17.27 29.66
N THR A 65 -2.91 17.19 30.44
CA THR A 65 -2.98 16.74 31.84
C THR A 65 -3.61 17.80 32.76
N LYS A 66 -3.77 19.01 32.24
CA LYS A 66 -4.43 20.10 32.96
C LYS A 66 -5.96 20.04 32.83
N PHE A 67 -6.43 19.19 31.91
CA PHE A 67 -7.86 18.96 31.72
C PHE A 67 -8.25 17.59 32.25
N GLN A 68 -9.37 17.53 32.97
CA GLN A 68 -9.90 16.27 33.50
C GLN A 68 -10.65 15.52 32.41
N TRP A 69 -10.01 15.29 31.27
CA TRP A 69 -10.74 14.87 30.07
C TRP A 69 -11.41 13.50 30.17
N ARG A 70 -10.80 12.57 30.90
CA ARG A 70 -11.39 11.25 31.12
C ARG A 70 -12.73 11.30 31.89
N SER A 71 -12.97 12.42 32.58
CA SER A 71 -14.19 12.61 33.36
C SER A 71 -15.34 13.24 32.57
N TYR A 72 -15.08 13.61 31.31
CA TYR A 72 -16.06 14.37 30.54
C TYR A 72 -17.26 13.54 30.08
N GLN A 73 -18.37 14.23 29.82
CA GLN A 73 -19.59 13.59 29.33
C GLN A 73 -19.51 13.29 27.83
N SER A 74 -18.87 14.20 27.10
CA SER A 74 -18.81 14.11 25.63
C SER A 74 -17.78 13.09 25.15
N GLU A 75 -18.28 12.03 24.50
CA GLU A 75 -17.41 11.03 23.86
C GLU A 75 -16.52 11.67 22.80
N ASP A 76 -17.05 12.68 22.11
CA ASP A 76 -16.33 13.40 21.07
C ASP A 76 -15.14 14.17 21.62
N LEU A 77 -15.34 14.90 22.71
CA LEU A 77 -14.23 15.65 23.35
C LEU A 77 -13.17 14.70 23.90
N LYS A 78 -13.61 13.62 24.54
CA LYS A 78 -12.68 12.61 25.07
C LYS A 78 -11.84 11.98 23.96
N ARG A 79 -12.46 11.70 22.82
CA ARG A 79 -11.76 11.11 21.67
C ARG A 79 -10.67 12.04 21.13
N GLN A 80 -10.98 13.34 21.04
CA GLN A 80 -10.02 14.34 20.58
C GLN A 80 -8.82 14.46 21.53
N PHE A 81 -9.10 14.57 22.82
CA PHE A 81 -8.04 14.63 23.83
C PHE A 81 -7.14 13.40 23.80
N LYS A 82 -7.74 12.23 23.64
CA LYS A 82 -6.98 10.99 23.57
C LYS A 82 -6.04 11.03 22.36
N ALA A 83 -6.53 11.50 21.22
CA ALA A 83 -5.69 11.66 20.02
C ALA A 83 -4.47 12.54 20.29
N LEU A 84 -4.66 13.62 21.06
CA LEU A 84 -3.59 14.55 21.40
C LEU A 84 -2.55 14.00 22.39
N THR A 85 -2.89 12.92 23.10
CA THR A 85 -1.93 12.33 24.04
C THR A 85 -0.93 11.44 23.32
N LYS A 86 -1.26 11.03 22.10
CA LYS A 86 -0.44 10.08 21.36
C LYS A 86 0.66 10.78 20.57
N LEU A 87 1.83 10.88 21.20
CA LEU A 87 2.96 11.65 20.68
C LEU A 87 3.75 10.99 19.56
N GLY A 88 3.74 9.66 19.53
CA GLY A 88 4.60 8.90 18.62
C GLY A 88 6.06 9.26 18.84
N TYR A 89 6.78 9.48 17.75
CA TYR A 89 8.21 9.85 17.81
C TYR A 89 8.46 11.16 18.56
N ALA A 90 7.47 12.04 18.59
CA ALA A 90 7.60 13.33 19.25
C ALA A 90 7.81 13.22 20.78
N ALA A 91 7.65 12.02 21.32
CA ALA A 91 7.90 11.78 22.74
C ALA A 91 9.40 11.73 23.07
N LEU A 92 10.22 11.47 22.03
CA LEU A 92 11.66 11.33 22.21
C LEU A 92 12.32 12.62 22.68
N PRO A 93 13.40 12.52 23.48
CA PRO A 93 14.18 13.71 23.82
C PRO A 93 14.68 14.40 22.55
N GLU A 94 14.85 15.72 22.63
CA GLU A 94 15.22 16.56 21.49
C GLU A 94 16.32 15.97 20.60
N ASP A 95 17.42 15.54 21.22
CA ASP A 95 18.57 15.00 20.50
C ASP A 95 18.27 13.64 19.83
N ASP A 96 17.53 12.79 20.52
CA ASP A 96 17.14 11.49 19.97
C ASP A 96 16.20 11.63 18.78
N TYR A 97 15.29 12.60 18.86
CA TYR A 97 14.37 12.86 17.76
C TYR A 97 15.11 13.36 16.51
N ALA A 98 16.08 14.26 16.73
CA ALA A 98 16.91 14.77 15.63
C ALA A 98 17.69 13.64 14.97
N GLU A 99 18.25 12.74 15.79
CA GLU A 99 18.99 11.59 15.28
C GLU A 99 18.10 10.66 14.45
N LEU A 100 16.88 10.42 14.93
CA LEU A 100 15.94 9.56 14.21
C LEU A 100 15.57 10.16 12.85
N LEU A 101 15.29 11.46 12.83
CA LEU A 101 14.98 12.17 11.59
C LEU A 101 16.10 12.06 10.58
N ASP A 102 17.34 12.24 11.03
CA ASP A 102 18.53 12.11 10.18
C ASP A 102 18.68 10.69 9.66
N THR A 103 18.36 9.72 10.52
CA THR A 103 18.43 8.31 10.16
C THR A 103 17.40 7.95 9.08
N LEU A 104 16.17 8.43 9.28
CA LEU A 104 15.08 8.21 8.33
C LEU A 104 15.32 8.84 6.96
N SER A 105 15.85 10.06 6.94
CA SER A 105 16.15 10.71 5.65
C SER A 105 17.34 10.03 4.95
N ALA A 106 18.30 9.54 5.72
CA ALA A 106 19.42 8.78 5.18
C ALA A 106 18.96 7.52 4.43
N MET A 107 18.00 6.80 5.02
CA MET A 107 17.47 5.58 4.39
C MET A 107 16.61 5.90 3.16
N GLU A 108 15.68 6.85 3.28
CA GLU A 108 14.81 7.17 2.16
C GLU A 108 15.58 7.77 0.98
N SER A 109 16.55 8.63 1.26
CA SER A 109 17.36 9.22 0.19
C SER A 109 18.27 8.19 -0.47
N ASN A 110 18.82 7.26 0.31
CA ASN A 110 19.59 6.15 -0.24
C ASN A 110 18.74 5.36 -1.24
N PHE A 111 17.53 4.99 -0.82
CA PHE A 111 16.61 4.26 -1.69
C PHE A 111 16.34 5.03 -2.98
N ALA A 112 16.05 6.33 -2.83
CA ALA A 112 15.69 7.19 -3.95
C ALA A 112 16.85 7.44 -4.92
N LYS A 113 18.08 7.35 -4.42
CA LYS A 113 19.27 7.64 -5.25
C LYS A 113 19.94 6.40 -5.85
N VAL A 114 19.35 5.22 -5.66
CA VAL A 114 19.93 3.99 -6.19
C VAL A 114 20.02 4.02 -7.72
N LYS A 115 21.23 3.79 -8.23
CA LYS A 115 21.47 3.66 -9.67
C LYS A 115 22.32 2.42 -9.92
N VAL A 116 22.00 1.67 -10.97
CA VAL A 116 22.75 0.46 -11.31
C VAL A 116 23.27 0.52 -12.75
N CYS A 117 24.26 -0.32 -13.04
CA CYS A 117 24.84 -0.40 -14.38
C CYS A 117 24.06 -1.34 -15.30
N ASP A 118 23.98 -0.97 -16.57
CA ASP A 118 23.30 -1.78 -17.58
C ASP A 118 23.93 -3.16 -17.65
N TYR A 119 23.08 -4.18 -17.73
CA TYR A 119 23.52 -5.58 -17.86
C TYR A 119 24.37 -5.81 -19.09
N LYS A 120 24.06 -5.09 -20.17
CA LYS A 120 24.75 -5.23 -21.45
C LYS A 120 25.87 -4.20 -21.66
N ASP A 121 25.94 -3.20 -20.79
CA ASP A 121 26.87 -2.08 -20.95
C ASP A 121 27.30 -1.50 -19.60
N SER A 122 28.45 -1.95 -19.10
CA SER A 122 28.95 -1.52 -17.80
C SER A 122 29.46 -0.06 -17.77
N THR A 123 29.35 0.62 -18.91
CA THR A 123 29.66 2.05 -19.00
C THR A 123 28.44 2.88 -18.60
N LYS A 124 27.26 2.41 -19.00
CA LYS A 124 26.01 3.09 -18.69
C LYS A 124 25.53 2.70 -17.29
N CYS A 125 25.71 3.60 -16.33
CA CYS A 125 25.41 3.31 -14.93
C CYS A 125 24.43 4.31 -14.27
N ASP A 126 23.41 4.69 -15.04
CA ASP A 126 22.41 5.65 -14.57
C ASP A 126 20.99 5.08 -14.59
N LEU A 127 20.89 3.76 -14.43
CA LEU A 127 19.58 3.10 -14.43
C LEU A 127 18.97 3.16 -13.03
N ALA A 128 17.84 3.83 -12.92
CA ALA A 128 17.11 3.92 -11.65
C ALA A 128 16.02 2.85 -11.60
N LEU A 129 15.55 2.52 -10.39
CA LEU A 129 14.44 1.58 -10.23
C LEU A 129 13.22 2.03 -11.05
N ASP A 130 12.86 3.30 -10.90
CA ASP A 130 11.76 3.90 -11.66
C ASP A 130 12.34 4.88 -12.67
N PRO A 131 12.22 4.57 -13.99
CA PRO A 131 11.54 3.41 -14.58
C PRO A 131 12.43 2.25 -15.06
N GLU A 132 13.74 2.45 -15.11
CA GLU A 132 14.64 1.52 -15.83
C GLU A 132 14.66 0.07 -15.33
N ILE A 133 14.91 -0.12 -14.04
CA ILE A 133 15.05 -1.47 -13.48
C ILE A 133 13.70 -2.18 -13.43
N GLU A 134 12.65 -1.47 -13.01
CA GLU A 134 11.30 -2.04 -12.96
C GLU A 134 10.80 -2.48 -14.33
N GLU A 135 11.21 -1.73 -15.37
CA GLU A 135 10.90 -2.11 -16.74
C GLU A 135 11.48 -3.49 -17.10
N VAL A 136 12.74 -3.71 -16.74
CA VAL A 136 13.40 -5.00 -17.03
C VAL A 136 12.76 -6.14 -16.24
N ILE A 137 12.55 -5.93 -14.94
CA ILE A 137 11.94 -6.95 -14.08
C ILE A 137 10.55 -7.37 -14.57
N SER A 138 9.79 -6.41 -15.10
CA SER A 138 8.45 -6.70 -15.59
C SER A 138 8.42 -7.30 -17.00
N LYS A 139 9.42 -6.98 -17.81
CA LYS A 139 9.40 -7.36 -19.24
C LYS A 139 10.34 -8.49 -19.64
N SER A 140 11.55 -8.52 -19.09
CA SER A 140 12.55 -9.53 -19.45
C SER A 140 12.12 -10.95 -19.05
N ARG A 141 12.38 -11.90 -19.95
CA ARG A 141 12.22 -13.32 -19.62
C ARG A 141 13.57 -14.04 -19.75
N ASP A 142 14.64 -13.28 -19.55
CA ASP A 142 16.00 -13.81 -19.50
C ASP A 142 16.35 -13.93 -18.02
N HIS A 143 16.34 -15.16 -17.51
CA HIS A 143 16.51 -15.40 -16.08
C HIS A 143 17.84 -14.91 -15.51
N GLU A 144 18.91 -14.91 -16.31
CA GLU A 144 20.19 -14.41 -15.82
C GLU A 144 20.24 -12.88 -15.77
N GLU A 145 19.61 -12.24 -16.75
CA GLU A 145 19.45 -10.79 -16.74
C GLU A 145 18.66 -10.35 -15.52
N LEU A 146 17.52 -11.00 -15.29
CA LEU A 146 16.67 -10.75 -14.13
C LEU A 146 17.43 -10.91 -12.82
N ALA A 147 18.22 -11.98 -12.71
CA ALA A 147 19.01 -12.26 -11.52
C ALA A 147 20.06 -11.17 -11.28
N TYR A 148 20.64 -10.65 -12.37
CA TYR A 148 21.63 -9.59 -12.29
C TYR A 148 21.03 -8.32 -11.68
N TYR A 149 19.89 -7.90 -12.20
CA TYR A 149 19.25 -6.67 -11.72
C TYR A 149 18.73 -6.81 -10.28
N TRP A 150 18.26 -8.00 -9.94
CA TRP A 150 17.85 -8.32 -8.57
C TRP A 150 19.01 -8.08 -7.60
N ARG A 151 20.14 -8.75 -7.86
CA ARG A 151 21.31 -8.65 -6.98
C ARG A 151 21.80 -7.21 -6.85
N GLU A 152 21.91 -6.52 -7.98
CA GLU A 152 22.43 -5.14 -7.99
C GLU A 152 21.55 -4.21 -7.16
N PHE A 153 20.22 -4.34 -7.31
CA PHE A 153 19.30 -3.47 -6.60
C PHE A 153 19.25 -3.75 -5.09
N TYR A 154 19.13 -5.02 -4.70
CA TYR A 154 19.11 -5.40 -3.29
C TYR A 154 20.39 -5.03 -2.54
N ASP A 155 21.53 -5.22 -3.19
CA ASP A 155 22.83 -4.82 -2.61
C ASP A 155 22.88 -3.32 -2.31
N LYS A 156 22.34 -2.51 -3.21
CA LYS A 156 22.39 -1.04 -3.09
C LYS A 156 21.26 -0.42 -2.26
N ALA A 157 20.05 -0.97 -2.37
CA ALA A 157 18.89 -0.43 -1.66
C ALA A 157 18.70 -1.07 -0.28
N GLY A 158 19.20 -2.29 -0.12
CA GLY A 158 19.03 -3.00 1.13
C GLY A 158 20.26 -2.96 2.01
N THR A 159 21.28 -3.73 1.60
CA THR A 159 22.49 -3.94 2.41
C THR A 159 23.17 -2.64 2.85
N ALA A 160 23.23 -1.67 1.94
CA ALA A 160 23.91 -0.39 2.19
C ALA A 160 23.43 0.38 3.42
N VAL A 161 22.20 0.14 3.86
CA VAL A 161 21.63 0.89 5.00
C VAL A 161 21.39 0.07 6.28
N ARG A 162 22.09 -1.05 6.43
CA ARG A 162 21.92 -1.90 7.61
C ARG A 162 22.13 -1.14 8.92
N SER A 163 23.23 -0.41 9.03
CA SER A 163 23.55 0.29 10.28
C SER A 163 22.53 1.38 10.62
N GLN A 164 22.03 2.08 9.59
CA GLN A 164 20.97 3.07 9.76
C GLN A 164 19.67 2.41 10.22
N PHE A 165 19.32 1.29 9.59
CA PHE A 165 18.12 0.56 9.96
C PHE A 165 18.18 0.09 11.42
N GLU A 166 19.35 -0.41 11.82
CA GLU A 166 19.57 -0.83 13.22
C GLU A 166 19.31 0.27 14.24
N ARG A 167 19.80 1.47 13.95
CA ARG A 167 19.61 2.62 14.83
C ARG A 167 18.15 3.06 14.84
N TYR A 168 17.51 3.00 13.67
CA TYR A 168 16.09 3.28 13.52
C TYR A 168 15.23 2.36 14.42
N VAL A 169 15.53 1.06 14.40
CA VAL A 169 14.83 0.09 15.27
C VAL A 169 14.99 0.46 16.75
N GLU A 170 16.21 0.82 17.16
CA GLU A 170 16.48 1.24 18.53
C GLU A 170 15.66 2.46 18.94
N LEU A 171 15.63 3.47 18.07
CA LEU A 171 14.94 4.71 18.37
C LEU A 171 13.41 4.59 18.28
N ASN A 172 12.94 3.79 17.33
CA ASN A 172 11.52 3.45 17.24
C ASN A 172 11.04 2.78 18.54
N THR A 173 11.81 1.82 19.03
CA THR A 173 11.53 1.12 20.29
C THR A 173 11.51 2.09 21.47
N LYS A 174 12.53 2.94 21.56
CA LYS A 174 12.60 3.94 22.63
C LYS A 174 11.37 4.85 22.64
N ALA A 175 10.95 5.29 21.45
CA ALA A 175 9.77 6.14 21.30
C ALA A 175 8.49 5.43 21.74
N ALA A 176 8.31 4.18 21.30
CA ALA A 176 7.13 3.39 21.67
C ALA A 176 7.01 3.28 23.18
N LYS A 177 8.14 2.99 23.84
CA LYS A 177 8.17 2.79 25.29
C LYS A 177 7.92 4.09 26.06
N LEU A 178 8.35 5.22 25.50
CA LEU A 178 8.03 6.54 26.07
C LEU A 178 6.53 6.85 26.00
N ASN A 179 5.85 6.21 25.05
CA ASN A 179 4.39 6.29 24.94
C ASN A 179 3.70 5.15 25.68
N ASN A 180 4.49 4.36 26.41
CA ASN A 180 4.01 3.20 27.19
C ASN A 180 3.39 2.07 26.38
N PHE A 181 3.78 1.97 25.11
CA PHE A 181 3.55 0.75 24.34
C PHE A 181 4.75 -0.16 24.58
N THR A 182 4.57 -1.47 24.40
CA THR A 182 5.65 -2.43 24.57
C THR A 182 6.74 -2.24 23.50
N SER A 183 6.31 -1.93 22.28
CA SER A 183 7.22 -1.76 21.15
C SER A 183 6.49 -1.03 20.03
N GLY A 184 7.21 -0.75 18.95
CA GLY A 184 6.62 -0.09 17.78
C GLY A 184 5.52 -0.88 17.11
N ALA A 185 5.48 -2.19 17.34
CA ALA A 185 4.41 -3.04 16.83
C ALA A 185 3.08 -2.63 17.45
N GLU A 186 3.07 -2.49 18.77
CA GLU A 186 1.86 -2.10 19.51
C GLU A 186 1.46 -0.66 19.20
N ALA A 187 2.45 0.21 18.97
CA ALA A 187 2.17 1.58 18.59
C ALA A 187 1.45 1.62 17.24
N TRP A 188 1.90 0.80 16.29
CA TRP A 188 1.26 0.71 14.98
C TRP A 188 -0.16 0.13 15.09
N LEU A 189 -0.27 -0.96 15.84
CA LEU A 189 -1.55 -1.66 16.01
C LEU A 189 -2.62 -0.82 16.70
N ASP A 190 -2.19 0.17 17.49
CA ASP A 190 -3.09 1.07 18.21
C ASP A 190 -4.01 1.85 17.25
N GLU A 191 -3.54 2.10 16.04
CA GLU A 191 -4.32 2.78 15.00
C GLU A 191 -5.60 2.02 14.61
N TYR A 192 -5.67 0.73 14.91
CA TYR A 192 -6.84 -0.08 14.56
C TYR A 192 -7.86 -0.22 15.70
N GLU A 193 -7.54 0.36 16.86
CA GLU A 193 -8.45 0.43 18.02
C GLU A 193 -9.20 -0.87 18.28
N ASP A 194 -8.46 -1.97 18.36
CA ASP A 194 -9.06 -3.29 18.54
C ASP A 194 -7.99 -4.24 19.05
N ASP A 195 -8.12 -4.67 20.31
CA ASP A 195 -7.09 -5.50 20.95
C ASP A 195 -7.02 -6.95 20.44
N THR A 196 -7.97 -7.35 19.59
CA THR A 196 -7.95 -8.67 18.96
C THR A 196 -7.61 -8.59 17.47
N PHE A 197 -7.08 -7.45 17.03
CA PHE A 197 -6.89 -7.19 15.59
C PHE A 197 -5.93 -8.17 14.90
N GLU A 198 -4.84 -8.52 15.57
CA GLU A 198 -3.88 -9.49 15.04
C GLU A 198 -4.52 -10.86 14.81
N GLN A 199 -5.23 -11.35 15.82
CA GLN A 199 -5.89 -12.65 15.72
C GLN A 199 -6.94 -12.68 14.61
N GLN A 200 -7.66 -11.57 14.45
CA GLN A 200 -8.67 -11.43 13.39
C GLN A 200 -8.04 -11.62 12.01
N LEU A 201 -6.88 -10.99 11.81
CA LEU A 201 -6.14 -11.10 10.55
C LEU A 201 -5.58 -12.51 10.34
N GLU A 202 -5.07 -13.12 11.41
CA GLU A 202 -4.60 -14.52 11.34
C GLU A 202 -5.73 -15.44 10.89
N ASP A 203 -6.92 -15.24 11.48
CA ASP A 203 -8.11 -16.04 11.15
C ASP A 203 -8.53 -15.88 9.68
N ILE A 204 -8.60 -14.62 9.21
CA ILE A 204 -8.94 -14.34 7.82
C ILE A 204 -7.87 -14.89 6.85
N PHE A 205 -6.60 -14.62 7.16
CA PHE A 205 -5.52 -15.12 6.32
C PHE A 205 -5.55 -16.64 6.18
N ALA A 206 -5.80 -17.34 7.30
CA ALA A 206 -5.91 -18.81 7.30
C ALA A 206 -7.00 -19.35 6.36
N ASP A 207 -8.11 -18.60 6.25
CA ASP A 207 -9.21 -18.96 5.36
C ASP A 207 -8.85 -18.82 3.88
N ILE A 208 -8.06 -17.80 3.54
CA ILE A 208 -7.68 -17.52 2.15
C ILE A 208 -6.41 -18.25 1.71
N ARG A 209 -5.58 -18.62 2.67
CA ARG A 209 -4.29 -19.28 2.40
C ARG A 209 -4.36 -20.48 1.44
N PRO A 210 -5.35 -21.40 1.62
CA PRO A 210 -5.43 -22.54 0.70
C PRO A 210 -5.55 -22.13 -0.77
N LEU A 211 -6.32 -21.08 -1.05
CA LEU A 211 -6.43 -20.57 -2.42
C LEU A 211 -5.08 -20.05 -2.92
N TYR A 212 -4.35 -19.35 -2.06
CA TYR A 212 -3.01 -18.89 -2.43
C TYR A 212 -2.11 -20.06 -2.81
N GLN A 213 -2.15 -21.14 -2.03
CA GLN A 213 -1.35 -22.34 -2.30
C GLN A 213 -1.63 -22.92 -3.68
N GLN A 214 -2.91 -22.89 -4.08
CA GLN A 214 -3.33 -23.39 -5.40
C GLN A 214 -2.80 -22.51 -6.53
N ILE A 215 -2.87 -21.19 -6.35
CA ILE A 215 -2.34 -20.23 -7.33
C ILE A 215 -0.83 -20.39 -7.44
N HIS A 216 -0.15 -20.46 -6.30
CA HIS A 216 1.30 -20.66 -6.22
C HIS A 216 1.71 -21.92 -6.99
N GLY A 217 1.02 -23.03 -6.71
CA GLY A 217 1.30 -24.31 -7.36
C GLY A 217 1.17 -24.25 -8.87
N TYR A 218 0.08 -23.64 -9.34
CA TYR A 218 -0.18 -23.53 -10.77
C TYR A 218 0.85 -22.63 -11.48
N VAL A 219 1.18 -21.51 -10.85
CA VAL A 219 2.17 -20.58 -11.41
C VAL A 219 3.53 -21.28 -11.56
N ARG A 220 3.95 -21.97 -10.50
CA ARG A 220 5.21 -22.73 -10.50
C ARG A 220 5.24 -23.77 -11.64
N PHE A 221 4.13 -24.49 -11.80
CA PHE A 221 3.95 -25.46 -12.88
C PHE A 221 4.15 -24.80 -14.26
N ARG A 222 3.51 -23.64 -14.45
CA ARG A 222 3.59 -22.92 -15.72
C ARG A 222 4.97 -22.32 -15.97
N LEU A 223 5.63 -21.85 -14.91
CA LEU A 223 6.99 -21.33 -15.02
C LEU A 223 8.02 -22.43 -15.38
N ARG A 224 7.79 -23.64 -14.88
CA ARG A 224 8.62 -24.80 -15.26
C ARG A 224 8.55 -25.06 -16.78
N LYS A 225 7.37 -24.92 -17.36
CA LYS A 225 7.20 -25.12 -18.80
C LYS A 225 7.89 -24.04 -19.62
N HIS A 226 8.01 -22.85 -19.04
CA HIS A 226 8.65 -21.72 -19.72
C HIS A 226 10.18 -21.75 -19.58
N TYR A 227 10.67 -21.83 -18.34
CA TYR A 227 12.10 -21.73 -18.05
C TYR A 227 12.85 -23.07 -17.99
N GLY A 228 12.11 -24.16 -17.79
CA GLY A 228 12.72 -25.48 -17.63
C GLY A 228 13.03 -25.79 -16.18
N ASP A 229 13.25 -27.07 -15.90
CA ASP A 229 13.46 -27.54 -14.53
C ASP A 229 14.83 -27.21 -13.94
N ALA A 230 15.77 -26.78 -14.77
CA ALA A 230 17.06 -26.29 -14.29
C ALA A 230 16.91 -24.96 -13.54
N VAL A 231 15.89 -24.19 -13.92
CA VAL A 231 15.63 -22.87 -13.34
C VAL A 231 14.56 -22.90 -12.24
N VAL A 232 13.50 -23.69 -12.45
CA VAL A 232 12.39 -23.81 -11.51
C VAL A 232 12.14 -25.27 -11.13
N SER A 233 12.23 -25.57 -9.84
CA SER A 233 11.93 -26.93 -9.36
C SER A 233 10.45 -27.12 -9.06
N GLU A 234 10.00 -28.37 -9.10
CA GLU A 234 8.61 -28.72 -8.82
C GLU A 234 8.25 -28.54 -7.34
N THR A 235 9.21 -28.82 -6.46
CA THR A 235 8.93 -28.95 -5.04
C THR A 235 9.48 -27.83 -4.18
N GLY A 236 10.30 -26.96 -4.77
CA GLY A 236 10.93 -25.87 -4.02
C GLY A 236 10.19 -24.55 -4.14
N PRO A 237 10.58 -23.56 -3.31
CA PRO A 237 10.06 -22.19 -3.44
C PRO A 237 10.36 -21.64 -4.84
N ILE A 238 9.49 -20.76 -5.34
CA ILE A 238 9.68 -20.16 -6.65
C ILE A 238 10.80 -19.12 -6.59
N PRO A 239 11.78 -19.18 -7.52
CA PRO A 239 12.79 -18.11 -7.61
C PRO A 239 12.09 -16.78 -7.94
N MET A 240 12.22 -15.81 -7.05
CA MET A 240 11.35 -14.64 -7.03
C MET A 240 11.57 -13.67 -8.19
N HIS A 241 12.75 -13.72 -8.81
CA HIS A 241 13.09 -12.84 -9.92
C HIS A 241 12.31 -13.15 -11.20
N LEU A 242 11.62 -14.29 -11.20
CA LEU A 242 10.82 -14.74 -12.34
C LEU A 242 9.37 -14.29 -12.26
N LEU A 243 9.01 -13.57 -11.21
CA LEU A 243 7.60 -13.27 -10.93
C LEU A 243 7.13 -11.89 -11.38
N GLY A 244 7.99 -11.17 -12.11
CA GLY A 244 7.61 -9.92 -12.77
C GLY A 244 7.58 -8.69 -11.87
N ASN A 245 8.13 -8.83 -10.66
CA ASN A 245 8.11 -7.76 -9.67
C ASN A 245 9.33 -7.90 -8.78
N MET A 246 9.99 -6.77 -8.50
CA MET A 246 11.24 -6.76 -7.73
C MET A 246 11.11 -7.42 -6.35
N TRP A 247 9.91 -7.37 -5.78
CA TRP A 247 9.67 -7.90 -4.43
C TRP A 247 8.71 -9.10 -4.46
N ALA A 248 8.35 -9.52 -5.68
CA ALA A 248 7.40 -10.61 -5.92
C ALA A 248 6.06 -10.39 -5.22
N GLN A 249 5.66 -9.13 -5.07
CA GLN A 249 4.47 -8.81 -4.28
C GLN A 249 3.17 -8.99 -5.06
N GLN A 250 3.26 -8.84 -6.38
CA GLN A 250 2.14 -9.00 -7.30
C GLN A 250 2.72 -9.60 -8.60
N TRP A 251 2.03 -10.60 -9.16
CA TRP A 251 2.59 -11.36 -10.29
C TRP A 251 1.92 -11.06 -11.63
N SER A 252 1.14 -9.99 -11.71
CA SER A 252 0.34 -9.72 -12.90
C SER A 252 1.15 -9.56 -14.19
N GLU A 253 2.42 -9.15 -14.07
CA GLU A 253 3.29 -8.95 -15.23
C GLU A 253 3.69 -10.24 -15.99
N ILE A 254 3.53 -11.39 -15.35
CA ILE A 254 3.81 -12.69 -16.02
C ILE A 254 2.53 -13.43 -16.43
N ALA A 255 1.41 -12.72 -16.45
CA ALA A 255 0.12 -13.31 -16.84
C ALA A 255 0.15 -13.93 -18.24
N ASP A 256 0.90 -13.31 -19.15
CA ASP A 256 1.01 -13.80 -20.53
C ASP A 256 1.65 -15.18 -20.64
N ILE A 257 2.42 -15.59 -19.64
CA ILE A 257 3.03 -16.93 -19.64
C ILE A 257 2.41 -17.93 -18.67
N VAL A 258 1.50 -17.47 -17.80
CA VAL A 258 0.85 -18.36 -16.83
C VAL A 258 -0.69 -18.39 -16.91
N SER A 259 -1.26 -17.71 -17.91
CA SER A 259 -2.72 -17.60 -18.02
C SER A 259 -3.36 -18.96 -18.33
N PRO A 260 -4.47 -19.28 -17.64
CA PRO A 260 -5.19 -20.55 -17.80
C PRO A 260 -5.49 -20.91 -19.25
N PHE A 261 -5.94 -19.94 -20.04
CA PHE A 261 -6.31 -20.19 -21.43
C PHE A 261 -5.58 -19.23 -22.38
N PRO A 262 -4.36 -19.61 -22.82
CA PRO A 262 -3.50 -18.75 -23.63
C PRO A 262 -4.07 -18.39 -25.00
N GLU A 263 -5.03 -19.19 -25.49
CA GLU A 263 -5.65 -18.94 -26.79
C GLU A 263 -6.85 -17.98 -26.67
N LYS A 264 -7.28 -17.73 -25.44
CA LYS A 264 -8.39 -16.82 -25.17
C LYS A 264 -7.88 -15.48 -24.66
N PRO A 265 -8.69 -14.41 -24.76
CA PRO A 265 -8.18 -13.06 -24.48
C PRO A 265 -7.71 -12.86 -23.03
N LEU A 266 -6.61 -12.11 -22.91
CA LEU A 266 -6.09 -11.67 -21.63
C LEU A 266 -5.98 -10.15 -21.70
N VAL A 267 -6.62 -9.47 -20.74
CA VAL A 267 -6.71 -8.01 -20.79
C VAL A 267 -5.37 -7.35 -20.48
N ASP A 268 -4.88 -6.59 -21.45
CA ASP A 268 -3.66 -5.80 -21.31
C ASP A 268 -3.78 -4.57 -22.22
N VAL A 269 -4.26 -3.47 -21.64
CA VAL A 269 -4.67 -2.30 -22.43
C VAL A 269 -3.56 -1.26 -22.66
N SER A 270 -2.35 -1.55 -22.20
CA SER A 270 -1.22 -0.64 -22.34
C SER A 270 -0.96 -0.22 -23.79
N ALA A 271 -0.97 -1.19 -24.70
CA ALA A 271 -0.76 -0.92 -26.12
C ALA A 271 -1.82 0.03 -26.70
N GLU A 272 -3.08 -0.18 -26.34
CA GLU A 272 -4.19 0.65 -26.80
C GLU A 272 -4.15 2.07 -26.21
N MET A 273 -3.70 2.17 -24.97
CA MET A 273 -3.51 3.47 -24.32
C MET A 273 -2.51 4.30 -25.12
N GLU A 274 -1.36 3.70 -25.45
CA GLU A 274 -0.34 4.34 -26.28
C GLU A 274 -0.84 4.70 -27.67
N LYS A 275 -1.56 3.77 -28.29
CA LYS A 275 -2.11 3.96 -29.64
C LYS A 275 -3.10 5.12 -29.69
N GLN A 276 -3.88 5.29 -28.62
CA GLN A 276 -4.86 6.37 -28.54
C GLN A 276 -4.29 7.69 -28.02
N GLY A 277 -2.97 7.73 -27.82
CA GLY A 277 -2.28 8.95 -27.41
C GLY A 277 -2.52 9.41 -25.99
N TYR A 278 -2.79 8.46 -25.09
CA TYR A 278 -2.93 8.76 -23.65
C TYR A 278 -1.69 9.45 -23.10
N THR A 279 -1.90 10.36 -22.16
CA THR A 279 -0.83 11.05 -21.44
C THR A 279 -1.09 10.90 -19.93
N PRO A 280 -0.07 11.17 -19.10
CA PRO A 280 -0.34 11.22 -17.65
C PRO A 280 -1.51 12.15 -17.31
N LEU A 281 -1.56 13.33 -17.92
CA LEU A 281 -2.66 14.27 -17.70
C LEU A 281 -4.03 13.65 -17.96
N LYS A 282 -4.17 12.99 -19.11
CA LYS A 282 -5.41 12.30 -19.47
C LYS A 282 -5.82 11.24 -18.45
N MET A 283 -4.85 10.46 -17.98
CA MET A 283 -5.11 9.41 -16.99
C MET A 283 -5.67 10.00 -15.70
N PHE A 284 -5.09 11.09 -15.22
CA PHE A 284 -5.58 11.78 -14.04
C PHE A 284 -6.95 12.42 -14.26
N GLN A 285 -7.16 12.98 -15.46
CA GLN A 285 -8.46 13.55 -15.82
C GLN A 285 -9.55 12.48 -15.86
N MET A 286 -9.18 11.28 -16.31
CA MET A 286 -10.11 10.14 -16.35
C MET A 286 -10.47 9.64 -14.95
N GLY A 287 -9.49 9.64 -14.05
CA GLY A 287 -9.73 9.29 -12.65
C GLY A 287 -10.69 10.29 -12.02
N ASP A 288 -10.41 11.58 -12.23
CA ASP A 288 -11.27 12.66 -11.75
C ASP A 288 -12.72 12.46 -12.22
N ASP A 289 -12.87 12.15 -13.51
CA ASP A 289 -14.17 11.85 -14.10
C ASP A 289 -14.90 10.68 -13.42
N PHE A 290 -14.16 9.63 -13.03
CA PHE A 290 -14.76 8.48 -12.36
C PHE A 290 -15.38 8.91 -11.03
N PHE A 291 -14.64 9.69 -10.24
CA PHE A 291 -15.13 10.16 -8.94
C PHE A 291 -16.34 11.09 -9.09
N THR A 292 -16.23 12.07 -9.99
CA THR A 292 -17.33 13.02 -10.21
C THR A 292 -18.58 12.34 -10.76
N SER A 293 -18.39 11.26 -11.53
CA SER A 293 -19.49 10.47 -12.09
C SER A 293 -20.32 9.79 -11.00
N MET A 294 -19.67 9.54 -9.86
CA MET A 294 -20.33 8.91 -8.72
C MET A 294 -20.92 9.96 -7.77
N ASN A 295 -20.92 11.22 -8.21
CA ASN A 295 -21.39 12.35 -7.41
C ASN A 295 -20.45 12.67 -6.23
N LEU A 296 -19.17 12.37 -6.41
CA LEU A 296 -18.14 12.69 -5.43
C LEU A 296 -17.39 13.94 -5.88
N THR A 297 -16.45 14.40 -5.06
CA THR A 297 -15.84 15.72 -5.22
C THR A 297 -14.79 15.81 -6.33
N LYS A 298 -14.97 16.81 -7.18
CA LYS A 298 -14.06 17.16 -8.27
C LYS A 298 -12.71 17.64 -7.72
N LEU A 299 -11.63 17.35 -8.45
CA LEU A 299 -10.30 17.82 -8.07
C LEU A 299 -10.21 19.34 -8.17
N PRO A 300 -9.73 20.01 -7.09
CA PRO A 300 -9.59 21.46 -7.06
C PRO A 300 -8.42 21.95 -7.90
N GLN A 301 -8.41 23.25 -8.20
CA GLN A 301 -7.39 23.86 -9.06
C GLN A 301 -5.96 23.70 -8.53
N ASP A 302 -5.79 23.78 -7.21
CA ASP A 302 -4.49 23.57 -6.58
C ASP A 302 -3.86 22.23 -6.95
N PHE A 303 -4.69 21.20 -7.02
CA PHE A 303 -4.24 19.86 -7.42
C PHE A 303 -3.56 19.93 -8.79
N TRP A 304 -4.23 20.51 -9.77
CA TRP A 304 -3.68 20.60 -11.13
C TRP A 304 -2.47 21.52 -11.22
N ASP A 305 -2.50 22.62 -10.46
CA ASP A 305 -1.40 23.59 -10.44
C ASP A 305 -0.14 23.06 -9.77
N LYS A 306 -0.31 22.29 -8.71
CA LYS A 306 0.81 21.97 -7.81
C LYS A 306 1.30 20.51 -7.88
N SER A 307 0.49 19.61 -8.41
CA SER A 307 0.87 18.19 -8.52
C SER A 307 2.03 17.98 -9.49
N ILE A 308 2.78 16.92 -9.25
CA ILE A 308 3.81 16.47 -10.17
C ILE A 308 3.36 15.11 -10.69
N ILE A 309 2.99 15.06 -11.97
CA ILE A 309 2.44 13.84 -12.55
C ILE A 309 3.34 13.20 -13.62
N GLU A 310 4.54 13.75 -13.80
CA GLU A 310 5.54 13.15 -14.68
C GLU A 310 6.91 13.29 -14.05
N LYS A 311 7.79 12.32 -14.32
CA LYS A 311 9.18 12.40 -13.84
C LYS A 311 9.87 13.62 -14.46
N PRO A 312 10.45 14.49 -13.62
CA PRO A 312 11.20 15.66 -14.10
C PRO A 312 12.35 15.24 -15.03
N THR A 313 12.64 16.09 -16.01
CA THR A 313 13.65 15.79 -17.03
C THR A 313 15.02 16.42 -16.74
N ASP A 314 15.10 17.23 -15.68
CA ASP A 314 16.40 17.74 -15.23
C ASP A 314 17.18 16.64 -14.51
N GLY A 315 18.39 16.95 -14.06
CA GLY A 315 19.25 15.92 -13.47
C GLY A 315 18.95 15.54 -12.03
N ARG A 316 17.91 16.14 -11.45
CA ARG A 316 17.67 16.10 -10.00
C ARG A 316 17.26 14.74 -9.45
N ASP A 317 17.63 14.51 -8.18
CA ASP A 317 17.17 13.35 -7.45
C ASP A 317 15.83 13.66 -6.79
N LEU A 318 14.95 12.67 -6.76
CA LEU A 318 13.64 12.80 -6.12
C LEU A 318 13.12 11.42 -5.71
N VAL A 319 12.07 11.41 -4.90
CA VAL A 319 11.35 10.18 -4.58
C VAL A 319 10.26 9.99 -5.65
N CYS A 320 10.47 9.01 -6.53
CA CYS A 320 9.47 8.73 -7.57
C CYS A 320 8.33 7.84 -7.09
N HIS A 321 8.55 7.10 -6.00
CA HIS A 321 7.49 6.27 -5.44
C HIS A 321 6.23 7.09 -5.23
N ALA A 322 5.14 6.68 -5.89
CA ALA A 322 3.90 7.45 -5.98
C ALA A 322 3.27 7.73 -4.62
N SER A 323 2.76 8.95 -4.43
CA SER A 323 2.17 9.35 -3.15
C SER A 323 1.14 10.47 -3.31
N ALA A 324 0.23 10.55 -2.34
CA ALA A 324 -0.80 11.60 -2.29
C ALA A 324 -0.65 12.40 -0.99
N TRP A 325 -0.88 13.71 -1.08
CA TRP A 325 -0.49 14.64 -0.03
C TRP A 325 -1.64 15.56 0.38
N ASP A 326 -1.85 15.68 1.69
CA ASP A 326 -2.83 16.60 2.26
C ASP A 326 -2.07 17.72 2.94
N PHE A 327 -2.42 18.97 2.61
CA PHE A 327 -1.71 20.11 3.18
C PHE A 327 -2.49 20.82 4.30
N TYR A 328 -3.64 20.25 4.64
CA TYR A 328 -4.42 20.62 5.83
C TYR A 328 -4.94 22.06 5.86
N LEU A 329 -5.08 22.66 4.68
CA LEU A 329 -5.78 23.93 4.56
C LEU A 329 -7.15 23.63 3.97
N THR A 330 -7.52 24.32 2.90
CA THR A 330 -8.72 23.99 2.15
C THR A 330 -8.32 23.78 0.68
N ASP A 331 -8.63 22.60 0.15
CA ASP A 331 -8.42 22.28 -1.28
C ASP A 331 -6.97 22.23 -1.74
N ASP A 332 -6.02 22.30 -0.80
CA ASP A 332 -4.62 22.10 -1.18
C ASP A 332 -4.26 20.64 -0.98
N VAL A 333 -4.43 19.88 -2.06
CA VAL A 333 -4.12 18.45 -2.10
C VAL A 333 -3.34 18.17 -3.39
N ARG A 334 -2.36 17.27 -3.32
CA ARG A 334 -1.44 17.03 -4.43
C ARG A 334 -1.04 15.56 -4.55
N ILE A 335 -0.71 15.17 -5.78
CA ILE A 335 -0.07 13.88 -6.02
C ILE A 335 1.30 14.11 -6.65
N LYS A 336 2.25 13.27 -6.26
CA LYS A 336 3.55 13.20 -6.89
C LYS A 336 3.71 11.78 -7.41
N GLN A 337 3.63 11.62 -8.74
CA GLN A 337 3.76 10.32 -9.38
C GLN A 337 4.56 10.45 -10.66
N CYS A 338 5.52 9.56 -10.85
CA CYS A 338 6.32 9.51 -12.08
C CYS A 338 5.55 8.62 -13.07
N THR A 339 4.45 9.17 -13.59
CA THR A 339 3.43 8.41 -14.30
C THR A 339 3.92 7.87 -15.65
N ARG A 340 3.58 6.61 -15.92
CA ARG A 340 3.83 6.00 -17.21
C ARG A 340 2.49 5.57 -17.80
N VAL A 341 2.44 5.48 -19.12
CA VAL A 341 1.20 5.13 -19.80
C VAL A 341 1.07 3.60 -19.91
N THR A 342 0.62 2.97 -18.83
CA THR A 342 0.39 1.52 -18.79
C THR A 342 -0.91 1.21 -18.03
N GLN A 343 -1.42 0.00 -18.20
CA GLN A 343 -2.60 -0.46 -17.47
C GLN A 343 -2.36 -0.43 -15.96
N ASP A 344 -1.22 -0.97 -15.53
CA ASP A 344 -0.85 -0.99 -14.11
C ASP A 344 -0.86 0.41 -13.51
N GLN A 345 -0.30 1.37 -14.26
CA GLN A 345 -0.24 2.76 -13.81
C GLN A 345 -1.62 3.43 -13.74
N LEU A 346 -2.53 3.03 -14.62
CA LEU A 346 -3.90 3.55 -14.59
C LEU A 346 -4.57 3.19 -13.26
N PHE A 347 -4.28 2.00 -12.75
CA PHE A 347 -4.78 1.58 -11.43
C PHE A 347 -4.12 2.36 -10.30
N THR A 348 -2.81 2.58 -10.42
CA THR A 348 -2.07 3.38 -9.43
C THR A 348 -2.62 4.81 -9.35
N VAL A 349 -2.92 5.40 -10.50
CA VAL A 349 -3.54 6.74 -10.53
C VAL A 349 -4.85 6.78 -9.76
N HIS A 350 -5.70 5.77 -9.97
CA HIS A 350 -6.96 5.67 -9.23
C HIS A 350 -6.76 5.43 -7.73
N HIS A 351 -5.75 4.62 -7.38
CA HIS A 351 -5.40 4.42 -5.96
C HIS A 351 -5.08 5.74 -5.29
N GLU A 352 -4.17 6.50 -5.89
CA GLU A 352 -3.70 7.77 -5.32
C GLU A 352 -4.82 8.81 -5.25
N LEU A 353 -5.72 8.80 -6.24
CA LEU A 353 -6.87 9.71 -6.27
C LEU A 353 -7.91 9.34 -5.20
N GLY A 354 -7.88 8.06 -4.78
CA GLY A 354 -8.68 7.60 -3.65
C GLY A 354 -8.27 8.27 -2.34
N HIS A 355 -6.96 8.43 -2.15
CA HIS A 355 -6.43 9.20 -1.02
C HIS A 355 -6.89 10.66 -1.08
N ILE A 356 -6.71 11.28 -2.25
CA ILE A 356 -7.12 12.68 -2.47
C ILE A 356 -8.60 12.89 -2.15
N GLN A 357 -9.45 11.99 -2.64
CA GLN A 357 -10.89 12.07 -2.36
C GLN A 357 -11.17 12.04 -0.85
N TYR A 358 -10.48 11.15 -0.14
CA TYR A 358 -10.61 11.04 1.31
C TYR A 358 -10.23 12.36 1.98
N PHE A 359 -9.11 12.96 1.54
CA PHE A 359 -8.66 14.27 2.06
C PHE A 359 -9.74 15.33 1.89
N LEU A 360 -10.36 15.35 0.71
CA LEU A 360 -11.40 16.35 0.38
C LEU A 360 -12.68 16.11 1.18
N GLN A 361 -13.04 14.84 1.39
CA GLN A 361 -14.25 14.46 2.10
C GLN A 361 -14.25 14.82 3.59
N TYR A 362 -13.07 14.77 4.21
CA TYR A 362 -12.97 15.05 5.65
C TYR A 362 -12.29 16.36 6.03
N GLN A 363 -12.03 17.23 5.06
CA GLN A 363 -11.30 18.49 5.35
C GLN A 363 -12.05 19.48 6.24
N HIS A 364 -13.36 19.28 6.42
CA HIS A 364 -14.18 20.11 7.31
C HIS A 364 -14.08 19.67 8.77
N GLN A 365 -13.58 18.45 8.99
CA GLN A 365 -13.41 17.90 10.35
C GLN A 365 -12.32 18.63 11.14
N PRO A 366 -12.37 18.59 12.48
CA PRO A 366 -11.24 19.09 13.26
C PRO A 366 -9.96 18.34 12.89
N PHE A 367 -8.81 19.01 13.03
CA PHE A 367 -7.53 18.47 12.59
C PHE A 367 -7.28 17.00 12.98
N VAL A 368 -7.53 16.66 14.25
CA VAL A 368 -7.24 15.31 14.75
C VAL A 368 -8.08 14.22 14.07
N TYR A 369 -9.19 14.63 13.44
CA TYR A 369 -10.07 13.69 12.74
C TYR A 369 -9.80 13.66 11.22
N ARG A 370 -8.84 14.45 10.77
CA ARG A 370 -8.54 14.53 9.33
C ARG A 370 -7.53 13.46 8.93
N THR A 371 -7.96 12.21 9.04
CA THR A 371 -7.21 11.02 8.64
C THR A 371 -8.22 9.90 8.44
N GLY A 372 -7.79 8.73 7.99
CA GLY A 372 -8.71 7.61 7.73
C GLY A 372 -9.31 6.99 8.99
N ALA A 373 -10.45 6.33 8.84
CA ALA A 373 -11.10 5.64 9.97
C ALA A 373 -10.12 4.66 10.61
N ASN A 374 -9.40 3.93 9.77
CA ASN A 374 -8.12 3.31 10.15
C ASN A 374 -7.19 3.30 8.92
N PRO A 375 -5.89 3.03 9.10
CA PRO A 375 -4.99 3.14 7.93
C PRO A 375 -5.42 2.29 6.72
N GLY A 376 -6.09 1.16 6.96
CA GLY A 376 -6.61 0.32 5.89
C GLY A 376 -7.71 0.96 5.06
N PHE A 377 -8.57 1.76 5.70
CA PHE A 377 -9.62 2.48 5.00
C PHE A 377 -9.06 3.42 3.95
N HIS A 378 -8.00 4.16 4.30
CA HIS A 378 -7.39 5.10 3.37
C HIS A 378 -6.87 4.40 2.12
N GLU A 379 -6.27 3.22 2.33
CA GLU A 379 -5.71 2.43 1.23
C GLU A 379 -6.76 1.77 0.33
N ALA A 380 -7.96 1.53 0.88
CA ALA A 380 -9.01 0.81 0.16
C ALA A 380 -9.78 1.65 -0.85
N VAL A 381 -9.92 2.96 -0.58
CA VAL A 381 -10.79 3.84 -1.38
C VAL A 381 -10.54 3.73 -2.88
N GLY A 382 -9.33 4.07 -3.31
CA GLY A 382 -8.96 4.08 -4.72
C GLY A 382 -8.97 2.70 -5.37
N ASP A 383 -8.67 1.68 -4.56
CA ASP A 383 -8.65 0.29 -5.04
C ASP A 383 -10.05 -0.23 -5.39
N VAL A 384 -11.07 0.25 -4.68
CA VAL A 384 -12.45 -0.08 -5.02
C VAL A 384 -12.77 0.39 -6.46
N LEU A 385 -12.34 1.59 -6.80
CA LEU A 385 -12.54 2.11 -8.17
C LEU A 385 -11.68 1.35 -9.18
N SER A 386 -10.44 1.03 -8.80
CA SER A 386 -9.54 0.26 -9.65
C SER A 386 -10.09 -1.11 -10.01
N LEU A 387 -10.77 -1.76 -9.07
CA LEU A 387 -11.47 -3.02 -9.33
C LEU A 387 -12.52 -2.87 -10.44
N SER A 388 -13.22 -1.74 -10.46
CA SER A 388 -14.18 -1.44 -11.52
C SER A 388 -13.52 -1.10 -12.85
N VAL A 389 -12.50 -0.24 -12.80
CA VAL A 389 -11.76 0.17 -13.99
C VAL A 389 -11.17 -1.05 -14.71
N SER A 390 -10.76 -2.05 -13.93
CA SER A 390 -10.12 -3.26 -14.45
C SER A 390 -11.05 -4.25 -15.15
N THR A 391 -12.36 -4.11 -14.97
CA THR A 391 -13.33 -5.04 -15.57
C THR A 391 -13.37 -4.87 -17.09
N PRO A 392 -13.55 -5.99 -17.82
CA PRO A 392 -13.82 -5.91 -19.25
C PRO A 392 -14.98 -4.95 -19.56
N LYS A 393 -15.99 -4.93 -18.70
CA LYS A 393 -17.14 -4.04 -18.85
C LYS A 393 -16.71 -2.58 -18.97
N HIS A 394 -15.95 -2.09 -17.99
CA HIS A 394 -15.51 -0.69 -18.02
C HIS A 394 -14.52 -0.42 -19.15
N LEU A 395 -13.59 -1.34 -19.37
CA LEU A 395 -12.53 -1.11 -20.35
C LEU A 395 -13.07 -1.08 -21.79
N GLU A 396 -14.15 -1.80 -22.05
CA GLU A 396 -14.86 -1.71 -23.33
C GLU A 396 -15.56 -0.36 -23.51
N LYS A 397 -16.13 0.17 -22.43
CA LYS A 397 -16.79 1.49 -22.43
C LYS A 397 -15.86 2.62 -22.85
N ILE A 398 -14.61 2.55 -22.41
CA ILE A 398 -13.64 3.61 -22.70
C ILE A 398 -12.77 3.31 -23.92
N GLY A 399 -13.15 2.28 -24.67
CA GLY A 399 -12.50 1.95 -25.94
C GLY A 399 -11.08 1.42 -25.85
N LEU A 400 -10.68 0.94 -24.67
CA LEU A 400 -9.34 0.40 -24.47
C LEU A 400 -9.27 -1.11 -24.72
N LEU A 401 -10.42 -1.78 -24.62
CA LEU A 401 -10.50 -3.21 -24.86
C LEU A 401 -11.44 -3.47 -26.05
N LYS A 402 -10.87 -4.00 -27.13
CA LYS A 402 -11.62 -4.20 -28.39
C LYS A 402 -11.76 -5.67 -28.75
N ASP A 403 -12.87 -6.00 -29.41
CA ASP A 403 -13.16 -7.35 -29.93
C ASP A 403 -13.03 -8.44 -28.86
N TYR A 404 -13.58 -8.15 -27.68
CA TYR A 404 -13.48 -9.05 -26.53
C TYR A 404 -14.76 -9.88 -26.41
N VAL A 405 -14.60 -11.20 -26.40
CA VAL A 405 -15.71 -12.12 -26.16
C VAL A 405 -15.57 -12.67 -24.74
N ARG A 406 -16.58 -12.41 -23.91
CA ARG A 406 -16.54 -12.82 -22.51
C ARG A 406 -17.17 -14.20 -22.28
N ASP A 407 -16.54 -15.23 -22.84
CA ASP A 407 -16.97 -16.60 -22.55
C ASP A 407 -16.40 -17.09 -21.22
N ASP A 408 -16.70 -18.34 -20.85
CA ASP A 408 -16.25 -18.91 -19.58
C ASP A 408 -14.73 -18.95 -19.43
N GLU A 409 -14.02 -19.14 -20.53
CA GLU A 409 -12.56 -19.22 -20.51
C GLU A 409 -11.91 -17.85 -20.36
N ALA A 410 -12.44 -16.85 -21.06
CA ALA A 410 -11.99 -15.47 -20.89
C ALA A 410 -12.23 -14.99 -19.45
N ARG A 411 -13.34 -15.39 -18.86
CA ARG A 411 -13.67 -15.03 -17.48
C ARG A 411 -12.66 -15.59 -16.47
N ILE A 412 -12.24 -16.83 -16.70
CA ILE A 412 -11.22 -17.48 -15.86
C ILE A 412 -9.86 -16.77 -15.99
N ASN A 413 -9.49 -16.41 -17.22
CA ASN A 413 -8.27 -15.61 -17.45
C ASN A 413 -8.27 -14.31 -16.66
N GLN A 414 -9.42 -13.63 -16.64
CA GLN A 414 -9.57 -12.33 -15.97
C GLN A 414 -9.57 -12.47 -14.45
N LEU A 415 -10.27 -13.50 -13.95
CA LEU A 415 -10.25 -13.81 -12.52
C LEU A 415 -8.84 -14.18 -12.06
N PHE A 416 -8.14 -14.97 -12.87
CA PHE A 416 -6.77 -15.37 -12.54
C PHE A 416 -5.84 -14.15 -12.54
N LEU A 417 -5.97 -13.30 -13.55
CA LEU A 417 -5.20 -12.06 -13.63
C LEU A 417 -5.41 -11.17 -12.40
N THR A 418 -6.66 -11.03 -11.97
CA THR A 418 -6.97 -10.26 -10.74
C THR A 418 -6.33 -10.92 -9.51
N ALA A 419 -6.44 -12.24 -9.41
CA ALA A 419 -5.87 -12.99 -8.28
C ALA A 419 -4.34 -12.87 -8.19
N LEU A 420 -3.67 -12.81 -9.34
CA LEU A 420 -2.21 -12.65 -9.38
C LEU A 420 -1.79 -11.36 -8.68
N ASP A 421 -2.72 -10.42 -8.60
CA ASP A 421 -2.55 -9.20 -7.82
C ASP A 421 -3.12 -9.37 -6.41
N LYS A 422 -4.43 -9.61 -6.32
CA LYS A 422 -5.16 -9.49 -5.04
C LYS A 422 -4.93 -10.60 -4.01
N ILE A 423 -4.79 -11.85 -4.46
CA ILE A 423 -4.54 -12.96 -3.53
C ILE A 423 -3.05 -13.09 -3.22
N VAL A 424 -2.22 -13.03 -4.27
CA VAL A 424 -0.77 -13.15 -4.15
C VAL A 424 -0.19 -12.15 -3.15
N PHE A 425 -0.76 -10.95 -3.12
CA PHE A 425 -0.32 -9.85 -2.27
C PHE A 425 -0.51 -10.10 -0.78
N LEU A 426 -1.50 -10.92 -0.43
CA LEU A 426 -1.89 -11.08 0.98
C LEU A 426 -0.78 -11.65 1.88
N PRO A 427 -0.16 -12.77 1.50
CA PRO A 427 0.96 -13.20 2.35
C PRO A 427 2.14 -12.23 2.31
N PHE A 428 2.39 -11.60 1.16
CA PHE A 428 3.45 -10.59 1.07
C PHE A 428 3.25 -9.48 2.10
N ALA A 429 2.07 -8.85 2.06
CA ALA A 429 1.75 -7.73 2.94
C ALA A 429 1.86 -8.11 4.42
N PHE A 430 1.38 -9.31 4.76
CA PHE A 430 1.45 -9.79 6.14
C PHE A 430 2.90 -9.92 6.60
N THR A 431 3.79 -10.44 5.73
CA THR A 431 5.21 -10.62 6.09
C THR A 431 5.99 -9.32 6.33
N MET A 432 5.63 -8.25 5.62
CA MET A 432 6.30 -6.95 5.79
C MET A 432 6.19 -6.48 7.25
N ASP A 433 5.00 -6.57 7.82
CA ASP A 433 4.84 -6.17 9.22
C ASP A 433 5.18 -7.28 10.24
N LYS A 434 4.92 -8.54 9.90
CA LYS A 434 5.39 -9.63 10.77
C LYS A 434 6.89 -9.53 11.02
N TYR A 435 7.64 -9.24 9.96
CA TYR A 435 9.09 -9.05 10.07
C TYR A 435 9.46 -7.90 10.99
N ARG A 436 8.95 -6.70 10.68
CA ARG A 436 9.27 -5.52 11.47
C ARG A 436 8.75 -5.62 12.91
N TRP A 437 7.56 -6.21 13.10
CA TRP A 437 7.05 -6.45 14.47
C TRP A 437 8.02 -7.30 15.26
N SER A 438 8.55 -8.36 14.64
CA SER A 438 9.48 -9.26 15.33
C SER A 438 10.76 -8.54 15.76
N LEU A 439 11.24 -7.61 14.93
CA LEU A 439 12.41 -6.78 15.29
C LEU A 439 12.09 -5.77 16.38
N PHE A 440 10.97 -5.06 16.23
CA PHE A 440 10.50 -4.10 17.24
C PHE A 440 10.34 -4.74 18.62
N ARG A 441 9.77 -5.94 18.64
CA ARG A 441 9.47 -6.66 19.88
C ARG A 441 10.70 -7.34 20.50
N GLY A 442 11.83 -7.29 19.80
CA GLY A 442 13.08 -7.86 20.28
C GLY A 442 13.11 -9.38 20.22
N GLU A 443 12.40 -9.93 19.25
CA GLU A 443 12.25 -11.38 19.12
C GLU A 443 13.34 -12.05 18.29
N VAL A 444 14.07 -11.25 17.51
CA VAL A 444 15.14 -11.75 16.67
C VAL A 444 16.47 -11.10 17.07
N ASP A 445 17.49 -11.91 17.34
CA ASP A 445 18.82 -11.39 17.61
C ASP A 445 19.40 -10.75 16.35
N LYS A 446 20.16 -9.67 16.53
CA LYS A 446 20.76 -8.91 15.42
C LYS A 446 21.53 -9.77 14.43
N ALA A 447 22.18 -10.82 14.95
CA ALA A 447 22.94 -11.76 14.14
C ALA A 447 22.07 -12.56 13.17
N ASN A 448 20.75 -12.54 13.37
CA ASN A 448 19.82 -13.34 12.57
C ASN A 448 18.81 -12.52 11.75
N TRP A 449 18.99 -11.20 11.68
CA TRP A 449 18.00 -10.31 11.07
C TRP A 449 17.70 -10.54 9.58
N ASN A 450 18.72 -10.87 8.79
CA ASN A 450 18.46 -11.07 7.35
C ASN A 450 17.78 -12.38 7.03
N CYS A 451 18.24 -13.47 7.64
CA CYS A 451 17.62 -14.75 7.36
C CYS A 451 16.23 -14.86 8.00
N ALA A 452 15.98 -14.07 9.05
CA ALA A 452 14.63 -13.94 9.61
C ALA A 452 13.65 -13.35 8.58
N PHE A 453 14.15 -12.45 7.73
CA PHE A 453 13.35 -11.85 6.66
C PHE A 453 12.99 -12.91 5.62
N TRP A 454 14.02 -13.57 5.09
CA TRP A 454 13.82 -14.58 4.05
C TRP A 454 13.06 -15.82 4.55
N LYS A 455 13.18 -16.14 5.84
CA LYS A 455 12.39 -17.22 6.44
C LYS A 455 10.89 -16.94 6.38
N LEU A 456 10.49 -15.71 6.66
CA LEU A 456 9.08 -15.32 6.57
C LEU A 456 8.58 -15.35 5.13
N ARG A 457 9.36 -14.78 4.21
CA ARG A 457 9.00 -14.79 2.79
C ARG A 457 8.82 -16.23 2.26
N ASP A 458 9.65 -17.14 2.75
CA ASP A 458 9.54 -18.57 2.45
C ASP A 458 8.25 -19.15 3.06
N GLU A 459 8.11 -19.06 4.37
CA GLU A 459 6.98 -19.66 5.09
C GLU A 459 5.61 -19.22 4.54
N TYR A 460 5.45 -17.93 4.30
CA TYR A 460 4.14 -17.39 3.90
C TYR A 460 3.90 -17.35 2.39
N SER A 461 4.91 -16.95 1.62
CA SER A 461 4.75 -16.75 0.17
C SER A 461 5.32 -17.85 -0.71
N GLY A 462 6.23 -18.67 -0.18
CA GLY A 462 6.84 -19.73 -0.98
C GLY A 462 7.71 -19.22 -2.11
N ILE A 463 8.40 -18.13 -1.84
CA ILE A 463 9.34 -17.53 -2.78
C ILE A 463 10.71 -17.43 -2.12
N GLU A 464 11.75 -17.26 -2.94
CA GLU A 464 13.12 -17.16 -2.44
C GLU A 464 13.99 -16.32 -3.37
N PRO A 465 15.10 -15.76 -2.85
CA PRO A 465 16.04 -15.01 -3.69
C PRO A 465 16.61 -15.85 -4.83
N PRO A 466 17.02 -15.19 -5.94
CA PRO A 466 17.61 -15.89 -7.08
C PRO A 466 19.01 -16.40 -6.80
N VAL A 467 19.69 -15.80 -5.82
CA VAL A 467 21.03 -16.19 -5.42
C VAL A 467 21.08 -16.40 -3.91
N VAL A 468 22.11 -17.09 -3.44
CA VAL A 468 22.32 -17.33 -2.02
C VAL A 468 22.64 -16.04 -1.29
N ARG A 469 21.87 -15.74 -0.23
CA ARG A 469 22.10 -14.60 0.63
C ARG A 469 22.58 -15.10 2.00
N SER A 470 23.10 -14.18 2.80
CA SER A 470 23.56 -14.51 4.15
C SER A 470 23.38 -13.31 5.05
N GLU A 471 23.88 -13.40 6.27
CA GLU A 471 23.83 -12.29 7.21
C GLU A 471 24.80 -11.17 6.84
N LYS A 472 25.62 -11.41 5.81
CA LYS A 472 26.43 -10.34 5.23
C LYS A 472 25.57 -9.37 4.40
N ASP A 473 24.41 -9.86 3.94
CA ASP A 473 23.46 -9.04 3.20
C ASP A 473 22.38 -8.54 4.14
N PHE A 474 21.66 -7.50 3.73
CA PHE A 474 20.50 -7.03 4.48
C PHE A 474 19.42 -6.52 3.54
N ASP A 475 18.41 -7.34 3.29
CA ASP A 475 17.54 -7.19 2.13
C ASP A 475 16.22 -6.46 2.34
N ALA A 476 15.73 -6.42 3.58
CA ALA A 476 14.45 -5.80 3.90
C ALA A 476 14.28 -4.35 3.39
N PRO A 477 15.31 -3.48 3.61
CA PRO A 477 15.13 -2.09 3.19
C PRO A 477 15.11 -1.87 1.68
N ALA A 478 15.36 -2.92 0.89
CA ALA A 478 15.20 -2.82 -0.56
C ALA A 478 13.74 -2.60 -0.97
N LYS A 479 12.82 -2.75 -0.02
CA LYS A 479 11.42 -2.39 -0.21
C LYS A 479 11.20 -0.98 0.32
N TYR A 480 10.60 -0.12 -0.51
CA TYR A 480 10.43 1.30 -0.20
C TYR A 480 9.93 1.56 1.23
N HIS A 481 8.81 0.94 1.58
CA HIS A 481 8.14 1.18 2.85
C HIS A 481 8.99 0.85 4.06
N ILE A 482 9.91 -0.11 3.88
CA ILE A 482 10.83 -0.47 4.96
C ILE A 482 11.92 0.62 5.11
N SER A 483 12.47 1.10 4.00
CA SER A 483 13.42 2.24 4.04
C SER A 483 12.75 3.54 4.52
N ALA A 484 11.48 3.73 4.15
CA ALA A 484 10.76 4.98 4.43
C ALA A 484 9.94 4.96 5.72
N ASP A 485 10.02 3.86 6.48
CA ASP A 485 9.30 3.73 7.74
C ASP A 485 7.79 3.98 7.55
N VAL A 486 7.20 3.22 6.63
CA VAL A 486 5.75 3.28 6.40
C VAL A 486 5.16 1.94 6.81
N GLU A 487 4.23 1.97 7.76
CA GLU A 487 3.53 0.77 8.23
C GLU A 487 2.87 0.07 7.03
N TYR A 488 2.92 -1.26 6.99
CA TYR A 488 2.42 -2.02 5.84
C TYR A 488 1.12 -2.78 6.05
N LEU A 489 0.73 -3.01 7.30
CA LEU A 489 -0.48 -3.78 7.61
C LEU A 489 -1.72 -3.12 6.99
N ARG A 490 -1.69 -1.80 6.87
CA ARG A 490 -2.72 -1.04 6.16
C ARG A 490 -3.10 -1.65 4.81
N TYR A 491 -2.11 -2.20 4.09
CA TYR A 491 -2.38 -2.79 2.76
C TYR A 491 -3.02 -4.17 2.86
N LEU A 492 -2.68 -4.94 3.88
CA LEU A 492 -3.34 -6.22 4.12
C LEU A 492 -4.82 -5.98 4.48
N VAL A 493 -5.05 -5.03 5.38
CA VAL A 493 -6.41 -4.64 5.77
C VAL A 493 -7.18 -4.16 4.53
N SER A 494 -6.55 -3.30 3.75
CA SER A 494 -7.15 -2.77 2.52
C SER A 494 -7.60 -3.87 1.55
N PHE A 495 -6.72 -4.83 1.28
CA PHE A 495 -7.05 -5.89 0.32
C PHE A 495 -8.21 -6.77 0.78
N ILE A 496 -8.41 -6.88 2.09
CA ILE A 496 -9.59 -7.56 2.63
C ILE A 496 -10.84 -6.66 2.53
N ILE A 497 -10.76 -5.46 3.10
CA ILE A 497 -11.95 -4.61 3.22
C ILE A 497 -12.41 -3.97 1.89
N GLN A 498 -11.50 -3.80 0.93
CA GLN A 498 -11.87 -3.26 -0.38
C GLN A 498 -12.92 -4.13 -1.09
N PHE A 499 -12.89 -5.43 -0.84
CA PHE A 499 -13.89 -6.33 -1.41
C PHE A 499 -15.23 -6.24 -0.70
N GLN A 500 -15.21 -5.90 0.59
CA GLN A 500 -16.43 -5.59 1.33
C GLN A 500 -17.06 -4.31 0.77
N PHE A 501 -16.25 -3.29 0.53
CA PHE A 501 -16.72 -2.04 -0.07
C PHE A 501 -17.22 -2.24 -1.51
N TYR A 502 -16.45 -3.00 -2.29
CA TYR A 502 -16.77 -3.25 -3.70
C TYR A 502 -18.07 -4.03 -3.85
N LYS A 503 -18.22 -5.13 -3.10
CA LYS A 503 -19.44 -5.94 -3.10
C LYS A 503 -20.66 -5.08 -2.78
N SER A 504 -20.55 -4.27 -1.73
CA SER A 504 -21.66 -3.40 -1.30
C SER A 504 -21.97 -2.30 -2.30
N ALA A 505 -20.94 -1.62 -2.82
CA ALA A 505 -21.10 -0.60 -3.85
C ALA A 505 -21.73 -1.17 -5.11
N CYS A 506 -21.35 -2.40 -5.48
CA CYS A 506 -21.91 -3.10 -6.63
C CYS A 506 -23.39 -3.47 -6.44
N ILE A 507 -23.75 -3.94 -5.25
CA ILE A 507 -25.14 -4.24 -4.91
C ILE A 507 -26.00 -2.97 -4.98
N LYS A 508 -25.50 -1.89 -4.38
CA LYS A 508 -26.17 -0.59 -4.38
C LYS A 508 -26.36 -0.05 -5.81
N ALA A 509 -25.38 -0.30 -6.67
CA ALA A 509 -25.41 0.16 -8.06
C ALA A 509 -26.30 -0.70 -8.97
N GLY A 510 -26.79 -1.82 -8.44
CA GLY A 510 -27.57 -2.79 -9.23
C GLY A 510 -26.69 -3.58 -10.18
N GLN A 511 -25.40 -3.63 -9.88
CA GLN A 511 -24.40 -4.28 -10.73
C GLN A 511 -24.06 -5.71 -10.30
N TYR A 512 -24.49 -6.09 -9.10
CA TYR A 512 -24.25 -7.43 -8.60
C TYR A 512 -25.48 -8.06 -7.96
N ASP A 513 -25.84 -9.23 -8.50
CA ASP A 513 -26.87 -10.06 -7.93
C ASP A 513 -26.34 -11.50 -7.97
N PRO A 514 -26.15 -12.10 -6.78
CA PRO A 514 -25.59 -13.46 -6.69
C PRO A 514 -26.45 -14.55 -7.33
N ASP A 515 -27.72 -14.24 -7.59
CA ASP A 515 -28.64 -15.19 -8.21
C ASP A 515 -28.91 -14.89 -9.69
N ASN A 516 -28.17 -13.93 -10.23
CA ASN A 516 -28.30 -13.55 -11.63
C ASN A 516 -26.96 -13.73 -12.36
N VAL A 517 -26.96 -14.64 -13.33
CA VAL A 517 -25.75 -14.97 -14.10
C VAL A 517 -25.20 -13.78 -14.90
N GLU A 518 -26.07 -12.83 -15.25
CA GLU A 518 -25.68 -11.68 -16.05
C GLU A 518 -25.05 -10.55 -15.23
N LEU A 519 -25.10 -10.69 -13.91
CA LEU A 519 -24.50 -9.69 -13.01
C LEU A 519 -23.49 -10.30 -12.03
N PRO A 520 -22.35 -10.80 -12.55
CA PRO A 520 -21.33 -11.36 -11.66
C PRO A 520 -20.49 -10.26 -11.01
N LEU A 521 -19.99 -10.52 -9.82
CA LEU A 521 -19.21 -9.53 -9.08
C LEU A 521 -17.94 -9.11 -9.83
N ASP A 522 -17.34 -10.06 -10.53
CA ASP A 522 -16.07 -9.83 -11.24
C ASP A 522 -16.20 -9.03 -12.55
N ASN A 523 -17.41 -8.61 -12.89
CA ASN A 523 -17.60 -7.70 -14.02
C ASN A 523 -18.42 -6.46 -13.67
N CYS A 524 -18.48 -6.13 -12.38
CA CYS A 524 -19.22 -4.97 -11.90
C CYS A 524 -18.48 -3.66 -12.18
N ASP A 525 -19.21 -2.69 -12.73
CA ASP A 525 -18.67 -1.37 -12.95
C ASP A 525 -19.54 -0.35 -12.21
N ILE A 526 -18.95 0.35 -11.26
CA ILE A 526 -19.68 1.34 -10.46
C ILE A 526 -19.58 2.78 -11.03
N TYR A 527 -18.98 2.92 -12.21
CA TYR A 527 -18.92 4.22 -12.87
C TYR A 527 -20.32 4.81 -13.01
N GLY A 528 -20.45 6.10 -12.75
CA GLY A 528 -21.73 6.80 -12.88
C GLY A 528 -22.76 6.53 -11.79
N SER A 529 -22.40 5.73 -10.78
CA SER A 529 -23.35 5.38 -9.72
C SER A 529 -23.34 6.35 -8.53
N ALA A 530 -24.35 7.22 -8.49
CA ALA A 530 -24.53 8.16 -7.38
C ALA A 530 -24.85 7.44 -6.07
N ALA A 531 -25.52 6.29 -6.19
CA ALA A 531 -25.88 5.45 -5.05
C ALA A 531 -24.62 4.89 -4.34
N ALA A 532 -23.68 4.40 -5.13
CA ALA A 532 -22.39 3.94 -4.58
C ALA A 532 -21.61 5.12 -4.02
N GLY A 533 -21.67 6.24 -4.73
CA GLY A 533 -21.04 7.49 -4.28
C GLY A 533 -21.57 7.98 -2.94
N ALA A 534 -22.87 7.80 -2.70
CA ALA A 534 -23.52 8.20 -1.45
C ALA A 534 -22.97 7.44 -0.25
N ALA A 535 -22.80 6.13 -0.41
CA ALA A 535 -22.19 5.29 0.63
C ALA A 535 -20.77 5.75 0.95
N PHE A 536 -19.98 6.03 -0.09
CA PHE A 536 -18.64 6.59 0.08
C PHE A 536 -18.65 7.95 0.78
N HIS A 537 -19.56 8.83 0.39
CA HIS A 537 -19.66 10.13 1.04
C HIS A 537 -19.98 9.98 2.53
N ASN A 538 -20.95 9.14 2.85
CA ASN A 538 -21.35 8.86 4.22
C ASN A 538 -20.21 8.37 5.11
N MET A 539 -19.33 7.54 4.53
CA MET A 539 -18.23 6.96 5.27
C MET A 539 -17.03 7.90 5.36
N LEU A 540 -16.60 8.40 4.19
CA LEU A 540 -15.35 9.18 4.12
C LEU A 540 -15.44 10.54 4.83
N SER A 541 -16.62 11.15 4.82
CA SER A 541 -16.81 12.46 5.45
C SER A 541 -16.58 12.39 6.97
N MET A 542 -16.67 11.19 7.53
CA MET A 542 -16.47 10.97 8.97
C MET A 542 -15.01 11.11 9.41
N GLY A 543 -14.07 10.92 8.47
CA GLY A 543 -12.66 10.85 8.81
C GLY A 543 -12.43 9.88 9.95
N ALA A 544 -11.72 10.33 10.97
CA ALA A 544 -11.44 9.52 12.14
C ALA A 544 -12.25 9.95 13.36
N SER A 545 -13.40 10.59 13.11
CA SER A 545 -14.29 11.07 14.17
C SER A 545 -14.93 9.96 15.02
N LYS A 546 -15.04 8.76 14.43
CA LYS A 546 -15.59 7.60 15.13
C LYS A 546 -14.66 6.40 14.92
N PRO A 547 -14.69 5.42 15.85
CA PRO A 547 -13.97 4.16 15.62
C PRO A 547 -14.42 3.52 14.31
N TRP A 548 -13.51 2.81 13.64
CA TRP A 548 -13.74 2.35 12.26
C TRP A 548 -14.97 1.45 12.03
N PRO A 549 -15.41 0.66 13.04
CA PRO A 549 -16.64 -0.10 12.81
C PRO A 549 -17.86 0.78 12.57
N ASP A 550 -17.85 2.01 13.10
CA ASP A 550 -18.90 3.00 12.84
C ASP A 550 -18.79 3.57 11.42
N ALA A 551 -17.57 3.65 10.91
CA ALA A 551 -17.33 4.14 9.55
C ALA A 551 -17.77 3.10 8.51
N LEU A 552 -17.47 1.83 8.78
CA LEU A 552 -17.97 0.72 7.97
C LEU A 552 -19.50 0.65 8.01
N GLU A 553 -20.08 0.81 9.20
CA GLU A 553 -21.54 0.81 9.37
C GLU A 553 -22.23 1.90 8.54
N ALA A 554 -21.61 3.07 8.45
CA ALA A 554 -22.10 4.17 7.64
C ALA A 554 -22.11 3.84 6.15
N PHE A 555 -21.21 2.95 5.74
CA PHE A 555 -21.12 2.52 4.34
C PHE A 555 -22.18 1.48 3.99
N ASN A 556 -22.22 0.37 4.73
CA ASN A 556 -23.07 -0.76 4.36
C ASN A 556 -23.83 -1.43 5.51
N GLY A 557 -23.80 -0.82 6.70
CA GLY A 557 -24.49 -1.34 7.86
C GLY A 557 -23.75 -2.42 8.64
N GLU A 558 -22.56 -2.79 8.17
CA GLU A 558 -21.75 -3.82 8.83
C GLU A 558 -20.73 -3.21 9.79
N ARG A 559 -20.26 -4.01 10.74
CA ARG A 559 -19.35 -3.52 11.77
C ARG A 559 -18.10 -4.40 11.90
N ILE A 560 -18.02 -5.46 11.09
CA ILE A 560 -16.95 -6.45 11.21
C ILE A 560 -16.10 -6.57 9.94
N MET A 561 -14.79 -6.57 10.13
CA MET A 561 -13.86 -6.91 9.05
C MET A 561 -13.99 -8.40 8.72
N SER A 562 -14.26 -8.71 7.46
CA SER A 562 -14.59 -10.08 7.05
C SER A 562 -13.95 -10.47 5.71
N GLY A 563 -13.44 -11.69 5.65
CA GLY A 563 -12.91 -12.25 4.40
C GLY A 563 -13.96 -12.88 3.50
N LYS A 564 -15.23 -12.78 3.91
CA LYS A 564 -16.34 -13.35 3.14
C LYS A 564 -16.40 -12.79 1.72
N ALA A 565 -16.26 -11.47 1.59
CA ALA A 565 -16.40 -10.79 0.28
C ALA A 565 -15.28 -11.13 -0.72
N ILE A 566 -14.04 -11.17 -0.25
CA ILE A 566 -12.93 -11.54 -1.15
C ILE A 566 -13.08 -13.01 -1.61
N ALA A 567 -13.48 -13.89 -0.69
CA ALA A 567 -13.69 -15.30 -1.03
C ALA A 567 -14.82 -15.48 -2.03
N GLU A 568 -15.85 -14.64 -1.91
CA GLU A 568 -17.02 -14.65 -2.80
C GLU A 568 -16.63 -14.25 -4.22
N TYR A 569 -15.82 -13.20 -4.34
CA TYR A 569 -15.30 -12.72 -5.61
C TYR A 569 -14.55 -13.80 -6.39
N PHE A 570 -13.67 -14.52 -5.68
CA PHE A 570 -12.80 -15.50 -6.32
C PHE A 570 -13.32 -16.95 -6.31
N GLU A 571 -14.50 -17.17 -5.73
CA GLU A 571 -15.06 -18.53 -5.63
C GLU A 571 -15.11 -19.29 -6.97
N PRO A 572 -15.59 -18.65 -8.07
CA PRO A 572 -15.53 -19.35 -9.36
C PRO A 572 -14.10 -19.74 -9.80
N LEU A 573 -13.11 -18.92 -9.45
CA LEU A 573 -11.72 -19.26 -9.73
C LEU A 573 -11.27 -20.45 -8.88
N ARG A 574 -11.58 -20.41 -7.59
CA ARG A 574 -11.20 -21.49 -6.66
C ARG A 574 -11.69 -22.86 -7.15
N VAL A 575 -12.96 -22.91 -7.56
CA VAL A 575 -13.56 -24.14 -8.07
C VAL A 575 -12.83 -24.65 -9.31
N TRP A 576 -12.61 -23.76 -10.27
CA TRP A 576 -11.91 -24.12 -11.51
C TRP A 576 -10.44 -24.53 -11.28
N LEU A 577 -9.74 -23.76 -10.45
CA LEU A 577 -8.31 -23.96 -10.22
C LEU A 577 -8.00 -25.24 -9.45
N GLU A 578 -8.81 -25.52 -8.43
CA GLU A 578 -8.68 -26.75 -7.66
C GLU A 578 -8.77 -27.96 -8.59
N ALA A 579 -9.77 -27.94 -9.48
CA ALA A 579 -9.96 -29.00 -10.46
C ALA A 579 -8.84 -29.06 -11.50
N GLU A 580 -8.36 -27.90 -11.93
CA GLU A 580 -7.29 -27.83 -12.93
C GLU A 580 -5.96 -28.37 -12.38
N ASN A 581 -5.67 -28.06 -11.13
CA ASN A 581 -4.48 -28.58 -10.46
C ASN A 581 -4.51 -30.09 -10.26
N ILE A 582 -5.69 -30.62 -9.96
CA ILE A 582 -5.88 -32.08 -9.88
C ILE A 582 -5.74 -32.70 -11.28
N LYS A 583 -6.35 -32.08 -12.29
CA LYS A 583 -6.25 -32.55 -13.67
C LYS A 583 -4.79 -32.70 -14.15
N ASN A 584 -3.96 -31.73 -13.77
CA ASN A 584 -2.56 -31.68 -14.21
C ASN A 584 -1.59 -32.22 -13.17
N ASN A 585 -2.12 -32.88 -12.13
CA ASN A 585 -1.30 -33.48 -11.06
C ASN A 585 -0.27 -32.49 -10.50
N VAL A 586 -0.72 -31.26 -10.25
CA VAL A 586 0.15 -30.16 -9.85
C VAL A 586 0.55 -30.29 -8.38
N HIS A 587 1.87 -30.25 -8.13
CA HIS A 587 2.39 -30.28 -6.77
C HIS A 587 2.05 -28.99 -6.03
N ILE A 588 1.55 -29.15 -4.80
CA ILE A 588 1.16 -28.04 -3.95
C ILE A 588 2.06 -28.01 -2.71
N GLY A 589 2.50 -26.80 -2.32
CA GLY A 589 3.39 -26.66 -1.17
C GLY A 589 4.84 -26.59 -1.60
N TRP A 590 5.74 -26.35 -0.64
CA TRP A 590 7.16 -26.19 -0.94
C TRP A 590 8.06 -26.63 0.21
N THR A 591 9.26 -27.08 -0.15
CA THR A 591 10.31 -27.39 0.81
C THR A 591 10.95 -26.08 1.31
N THR A 592 11.58 -26.14 2.49
CA THR A 592 12.27 -24.99 3.06
C THR A 592 13.42 -24.55 2.16
N SER A 593 13.50 -23.24 1.91
CA SER A 593 14.51 -22.64 1.05
C SER A 593 15.93 -22.86 1.56
N ASN A 594 16.87 -22.98 0.63
CA ASN A 594 18.30 -23.08 0.91
CA ASN A 594 18.29 -23.06 1.01
C ASN A 594 19.05 -21.80 0.58
N LYS A 595 18.29 -20.74 0.30
CA LYS A 595 18.84 -19.48 -0.23
C LYS A 595 19.32 -18.44 0.80
N CYS A 596 19.15 -18.70 2.10
CA CYS A 596 19.75 -17.82 3.12
C CYS A 596 20.59 -18.66 4.08
N VAL A 597 21.90 -18.43 4.03
CA VAL A 597 22.86 -19.16 4.85
C VAL A 597 22.99 -18.50 6.23
N SER A 598 22.64 -19.26 7.26
CA SER A 598 22.73 -18.78 8.64
C SER A 598 24.16 -18.81 9.15
#